data_1UU9
#
_entry.id   1UU9
#
_cell.length_a   121.629
_cell.length_b   121.629
_cell.length_c   48.018
_cell.angle_alpha   90.00
_cell.angle_beta   90.00
_cell.angle_gamma   120.00
#
_symmetry.space_group_name_H-M   'P 32 2 1'
#
loop_
_entity.id
_entity.type
_entity.pdbx_description
1 polymer '3-PHOSPHOINOSITIDE DEPENDENT PROTEIN KINASE-1'
2 non-polymer GLYCEROL
3 non-polymer 'SULFATE ION'
4 non-polymer 3-[1-(3-AMINOPROPYL)-1H-INDOL-3-YL]-4-(1H-INDOL-3-YL)-1H-PYRROLE-2,5-DIONE
5 water water
#
_entity_poly.entity_id   1
_entity_poly.type   'polypeptide(L)'
_entity_poly.pdbx_seq_one_letter_code
;PQPRKKRPEDFKFGKILGEGSFSTVVLARELATSREYAIKILEKRHIIKENKVPYVTRERDVMSRLDHPFFVKLYFTFQD
DEKLYFGLSYAKNGELLKYIRKIGSFDETCTRFYTAEIVSALEYLHGKGIIHRDLKPENILLNEDMHIQITDFGTAKVLS
PESKQARAN(SEP)FVGTAQYVSPELLTEKSACKSSDLWALGCIIYQLVAGLPPFRAGNEYLIFQKIIKLEYDFPEKFFP
KARDLVEKLLVLDATKRLGCEEMEGYGPLKAHPFFESVTWENLHQQTPPK
;
_entity_poly.pdbx_strand_id   A
#
loop_
_chem_comp.id
_chem_comp.type
_chem_comp.name
_chem_comp.formula
BI3 non-polymer 3-[1-(3-AMINOPROPYL)-1H-INDOL-3-YL]-4-(1H-INDOL-3-YL)-1H-PYRROLE-2,5-DIONE 'C23 H20 N4 O2'
GOL non-polymer GLYCEROL 'C3 H8 O3'
SO4 non-polymer 'SULFATE ION' 'O4 S -2'
#
# COMPACT_ATOMS: atom_id res chain seq x y z
N PRO A 1 -4.04 -22.36 -23.70
CA PRO A 1 -2.57 -22.36 -23.49
C PRO A 1 -2.08 -21.08 -22.81
N GLN A 2 -0.84 -21.13 -22.33
CA GLN A 2 -0.21 -19.99 -21.67
C GLN A 2 1.26 -19.96 -22.09
N PRO A 3 1.96 -18.84 -21.85
CA PRO A 3 3.36 -18.85 -22.28
C PRO A 3 4.09 -20.01 -21.55
N ARG A 4 5.18 -20.50 -22.15
CA ARG A 4 5.97 -21.57 -21.55
C ARG A 4 6.36 -21.10 -20.14
N LYS A 5 6.42 -22.01 -19.17
CA LYS A 5 6.81 -21.63 -17.81
C LYS A 5 8.23 -21.05 -17.88
N LYS A 6 8.46 -19.90 -17.25
CA LYS A 6 9.80 -19.32 -17.29
C LYS A 6 10.73 -20.00 -16.27
N ARG A 7 12.03 -19.74 -16.35
CA ARG A 7 12.98 -20.31 -15.40
C ARG A 7 14.12 -19.33 -15.14
N PRO A 8 14.92 -19.58 -14.08
CA PRO A 8 16.01 -18.64 -13.78
C PRO A 8 16.89 -18.29 -14.98
N GLU A 9 17.24 -19.31 -15.77
CA GLU A 9 18.09 -19.17 -16.95
C GLU A 9 17.55 -18.19 -17.99
N ASP A 10 16.26 -17.90 -17.93
CA ASP A 10 15.65 -16.96 -18.88
C ASP A 10 15.98 -15.51 -18.57
N PHE A 11 16.57 -15.27 -17.41
CA PHE A 11 16.89 -13.90 -16.98
C PHE A 11 18.33 -13.60 -16.63
N LYS A 12 18.69 -12.33 -16.72
CA LYS A 12 19.99 -11.87 -16.29
C LYS A 12 19.63 -11.11 -15.00
N PHE A 13 19.90 -11.70 -13.85
CA PHE A 13 19.57 -11.00 -12.60
C PHE A 13 20.57 -9.89 -12.36
N GLY A 14 20.08 -8.78 -11.82
CA GLY A 14 20.93 -7.66 -11.54
C GLY A 14 20.95 -7.31 -10.07
N LYS A 15 20.85 -6.04 -9.75
CA LYS A 15 20.91 -5.67 -8.35
C LYS A 15 19.72 -6.05 -7.50
N ILE A 16 20.02 -6.21 -6.22
CA ILE A 16 19.00 -6.51 -5.25
C ILE A 16 18.34 -5.15 -4.95
N LEU A 17 17.02 -5.11 -5.03
CA LEU A 17 16.31 -3.88 -4.73
C LEU A 17 16.13 -3.79 -3.22
N GLY A 18 15.77 -4.92 -2.60
CA GLY A 18 15.59 -4.93 -1.17
C GLY A 18 15.54 -6.33 -0.61
N GLU A 19 15.78 -6.45 0.70
CA GLU A 19 15.79 -7.74 1.38
C GLU A 19 14.87 -7.78 2.59
N GLY A 20 14.04 -8.83 2.68
CA GLY A 20 13.16 -9.01 3.81
C GLY A 20 13.53 -10.29 4.56
N SER A 21 12.73 -10.67 5.54
CA SER A 21 13.02 -11.87 6.33
C SER A 21 12.79 -13.16 5.54
N PHE A 22 11.80 -13.15 4.67
CA PHE A 22 11.51 -14.36 3.91
C PHE A 22 11.66 -14.21 2.42
N SER A 23 12.16 -13.07 1.96
CA SER A 23 12.29 -12.89 0.53
C SER A 23 13.26 -11.80 0.18
N THR A 24 13.61 -11.75 -1.10
CA THR A 24 14.51 -10.73 -1.60
C THR A 24 13.94 -10.32 -2.96
N VAL A 25 13.92 -9.02 -3.24
CA VAL A 25 13.44 -8.53 -4.53
C VAL A 25 14.69 -8.13 -5.33
N VAL A 26 14.83 -8.73 -6.52
CA VAL A 26 15.98 -8.49 -7.39
C VAL A 26 15.52 -8.02 -8.77
N LEU A 27 16.23 -7.04 -9.32
CA LEU A 27 15.90 -6.54 -10.65
C LEU A 27 16.44 -7.58 -11.63
N ALA A 28 15.63 -7.95 -12.62
CA ALA A 28 16.06 -8.95 -13.59
C ALA A 28 15.63 -8.58 -15.02
N ARG A 29 16.47 -8.86 -16.00
CA ARG A 29 16.10 -8.56 -17.38
C ARG A 29 15.89 -9.88 -18.10
N GLU A 30 14.72 -10.03 -18.71
CA GLU A 30 14.39 -11.24 -19.45
C GLU A 30 15.16 -11.22 -20.77
N LEU A 31 15.95 -12.26 -20.99
CA LEU A 31 16.77 -12.34 -22.20
C LEU A 31 16.02 -12.30 -23.54
N ALA A 32 14.96 -13.10 -23.66
CA ALA A 32 14.20 -13.16 -24.91
C ALA A 32 13.45 -11.87 -25.28
N THR A 33 13.23 -10.98 -24.32
CA THR A 33 12.47 -9.75 -24.57
C THR A 33 13.10 -8.42 -24.18
N SER A 34 14.17 -8.47 -23.40
CA SER A 34 14.83 -7.26 -22.87
C SER A 34 13.96 -6.56 -21.81
N ARG A 35 12.86 -7.18 -21.41
CA ARG A 35 12.00 -6.54 -20.42
C ARG A 35 12.58 -6.67 -19.02
N GLU A 36 12.45 -5.60 -18.23
CA GLU A 36 12.92 -5.59 -16.85
C GLU A 36 11.78 -5.90 -15.89
N TYR A 37 12.01 -6.82 -14.96
CA TYR A 37 11.00 -7.16 -13.96
C TYR A 37 11.64 -7.08 -12.57
N ALA A 38 10.82 -6.87 -11.55
CA ALA A 38 11.28 -6.87 -10.15
C ALA A 38 10.86 -8.30 -9.76
N ILE A 39 11.84 -9.16 -9.54
CA ILE A 39 11.50 -10.52 -9.20
C ILE A 39 11.69 -10.78 -7.71
N LYS A 40 10.60 -11.18 -7.04
CA LYS A 40 10.62 -11.48 -5.62
C LYS A 40 10.97 -12.96 -5.51
N ILE A 41 12.01 -13.25 -4.75
CA ILE A 41 12.53 -14.60 -4.60
C ILE A 41 12.35 -15.08 -3.16
N LEU A 42 11.70 -16.23 -2.98
CA LEU A 42 11.47 -16.76 -1.64
C LEU A 42 12.04 -18.15 -1.52
N GLU A 43 12.73 -18.41 -0.42
CA GLU A 43 13.31 -19.74 -0.22
C GLU A 43 12.25 -20.65 0.37
N LYS A 44 11.92 -21.74 -0.31
CA LYS A 44 10.86 -22.62 0.20
C LYS A 44 11.09 -23.18 1.61
N ARG A 45 12.29 -23.68 1.89
CA ARG A 45 12.59 -24.23 3.20
C ARG A 45 12.30 -23.24 4.32
N HIS A 46 12.69 -21.99 4.14
CA HIS A 46 12.47 -20.99 5.19
C HIS A 46 10.98 -20.69 5.39
N ILE A 47 10.24 -20.57 4.29
CA ILE A 47 8.80 -20.32 4.34
C ILE A 47 8.11 -21.45 5.14
N ILE A 48 8.46 -22.69 4.81
CA ILE A 48 7.88 -23.85 5.47
C ILE A 48 8.25 -23.88 6.97
N LYS A 49 9.53 -23.77 7.27
CA LYS A 49 9.99 -23.78 8.67
C LYS A 49 9.28 -22.72 9.53
N GLU A 50 8.97 -21.56 8.94
CA GLU A 50 8.29 -20.52 9.72
C GLU A 50 6.77 -20.43 9.57
N ASN A 51 6.16 -21.46 8.97
CA ASN A 51 4.73 -21.50 8.76
C ASN A 51 4.17 -20.32 7.96
N LYS A 52 4.87 -19.96 6.90
CA LYS A 52 4.44 -18.83 6.08
C LYS A 52 3.74 -19.19 4.79
N VAL A 53 3.52 -20.50 4.55
CA VAL A 53 2.88 -20.94 3.32
C VAL A 53 1.54 -20.20 3.07
N PRO A 54 0.72 -19.99 4.12
CA PRO A 54 -0.55 -19.29 3.90
C PRO A 54 -0.33 -17.87 3.39
N TYR A 55 0.71 -17.22 3.92
CA TYR A 55 1.03 -15.85 3.50
C TYR A 55 1.55 -15.78 2.07
N VAL A 56 2.51 -16.62 1.74
CA VAL A 56 3.05 -16.64 0.40
C VAL A 56 1.96 -16.99 -0.62
N THR A 57 1.11 -17.94 -0.25
CA THR A 57 0.01 -18.36 -1.11
C THR A 57 -0.94 -17.18 -1.32
N ARG A 58 -1.28 -16.50 -0.22
CA ARG A 58 -2.16 -15.33 -0.25
C ARG A 58 -1.59 -14.23 -1.16
N GLU A 59 -0.29 -13.95 -1.04
CA GLU A 59 0.33 -12.92 -1.87
C GLU A 59 0.10 -13.20 -3.34
N ARG A 60 0.37 -14.44 -3.76
CA ARG A 60 0.20 -14.84 -5.15
C ARG A 60 -1.27 -14.79 -5.62
N ASP A 61 -2.16 -15.36 -4.80
CA ASP A 61 -3.57 -15.39 -5.15
C ASP A 61 -4.24 -14.00 -5.20
N VAL A 62 -3.92 -13.12 -4.25
CA VAL A 62 -4.51 -11.79 -4.26
C VAL A 62 -4.00 -11.02 -5.48
N MET A 63 -2.69 -11.06 -5.70
CA MET A 63 -2.14 -10.34 -6.83
C MET A 63 -2.65 -10.85 -8.18
N SER A 64 -2.96 -12.14 -8.26
CA SER A 64 -3.50 -12.71 -9.51
C SER A 64 -4.86 -12.16 -9.85
N ARG A 65 -5.62 -11.81 -8.80
CA ARG A 65 -6.97 -11.29 -8.95
C ARG A 65 -7.06 -9.78 -9.26
N LEU A 66 -5.99 -9.05 -9.01
CA LEU A 66 -6.01 -7.62 -9.25
C LEU A 66 -5.71 -7.31 -10.73
N ASP A 67 -6.43 -6.33 -11.27
CA ASP A 67 -6.21 -5.91 -12.66
C ASP A 67 -6.60 -4.44 -12.73
N HIS A 68 -5.75 -3.60 -12.18
CA HIS A 68 -5.99 -2.16 -12.11
C HIS A 68 -4.64 -1.45 -12.16
N PRO A 69 -4.59 -0.29 -12.85
CA PRO A 69 -3.34 0.46 -12.95
C PRO A 69 -2.66 0.92 -11.67
N PHE A 70 -3.40 1.06 -10.56
CA PHE A 70 -2.78 1.51 -9.32
C PHE A 70 -2.22 0.38 -8.43
N PHE A 71 -2.06 -0.81 -9.02
CA PHE A 71 -1.47 -1.93 -8.30
C PHE A 71 -0.35 -2.57 -9.09
N VAL A 72 0.69 -3.00 -8.37
CA VAL A 72 1.79 -3.71 -9.01
C VAL A 72 1.18 -4.98 -9.63
N LYS A 73 1.61 -5.35 -10.83
CA LYS A 73 1.09 -6.53 -11.54
C LYS A 73 1.95 -7.78 -11.32
N LEU A 74 1.32 -8.93 -11.13
CA LEU A 74 2.07 -10.19 -11.03
C LEU A 74 2.04 -10.74 -12.45
N TYR A 75 3.18 -10.76 -13.15
CA TYR A 75 3.24 -11.25 -14.53
C TYR A 75 3.39 -12.75 -14.67
N PHE A 76 4.15 -13.35 -13.76
CA PHE A 76 4.39 -14.80 -13.84
C PHE A 76 4.99 -15.31 -12.55
N THR A 77 5.00 -16.63 -12.40
CA THR A 77 5.61 -17.27 -11.25
C THR A 77 6.27 -18.53 -11.77
N PHE A 78 7.26 -19.00 -11.03
CA PHE A 78 7.92 -20.25 -11.35
C PHE A 78 8.73 -20.63 -10.13
N GLN A 79 9.30 -21.82 -10.14
CA GLN A 79 10.11 -22.20 -9.00
C GLN A 79 11.16 -23.20 -9.44
N ASP A 80 12.22 -23.32 -8.65
CA ASP A 80 13.23 -24.33 -8.93
C ASP A 80 13.20 -25.20 -7.69
N ASP A 81 14.21 -26.04 -7.46
CA ASP A 81 14.14 -26.89 -6.27
C ASP A 81 14.19 -26.19 -4.93
N GLU A 82 14.82 -25.02 -4.89
CA GLU A 82 14.94 -24.31 -3.64
C GLU A 82 14.08 -23.05 -3.48
N LYS A 83 13.79 -22.37 -4.58
CA LYS A 83 13.10 -21.09 -4.53
C LYS A 83 11.84 -20.91 -5.36
N LEU A 84 11.04 -19.93 -4.95
CA LEU A 84 9.82 -19.51 -5.63
C LEU A 84 10.18 -18.14 -6.22
N TYR A 85 9.74 -17.87 -7.44
CA TYR A 85 10.01 -16.59 -8.09
C TYR A 85 8.70 -15.94 -8.54
N PHE A 86 8.49 -14.67 -8.19
CA PHE A 86 7.27 -13.94 -8.59
C PHE A 86 7.71 -12.77 -9.47
N GLY A 87 7.32 -12.77 -10.73
CA GLY A 87 7.70 -11.68 -11.64
C GLY A 87 6.72 -10.53 -11.47
N LEU A 88 7.21 -9.38 -11.01
CA LEU A 88 6.38 -8.21 -10.76
C LEU A 88 6.78 -6.99 -11.55
N SER A 89 5.85 -6.02 -11.60
CA SER A 89 6.13 -4.75 -12.27
C SER A 89 7.35 -4.15 -11.59
N TYR A 90 8.22 -3.54 -12.38
CA TYR A 90 9.36 -2.86 -11.80
C TYR A 90 9.00 -1.37 -11.78
N ALA A 91 8.71 -0.85 -10.59
CA ALA A 91 8.36 0.56 -10.42
C ALA A 91 9.66 1.37 -10.37
N LYS A 92 9.97 2.03 -11.48
CA LYS A 92 11.19 2.79 -11.63
C LYS A 92 11.44 3.96 -10.70
N ASN A 93 10.40 4.61 -10.19
CA ASN A 93 10.65 5.73 -9.30
C ASN A 93 10.60 5.43 -7.81
N GLY A 94 10.70 4.15 -7.46
CA GLY A 94 10.74 3.76 -6.06
C GLY A 94 9.45 3.95 -5.26
N GLU A 95 9.59 4.21 -3.97
CA GLU A 95 8.43 4.37 -3.11
C GLU A 95 8.12 5.80 -2.70
N LEU A 96 6.87 6.01 -2.30
CA LEU A 96 6.37 7.31 -1.87
C LEU A 96 7.09 7.83 -0.60
N LEU A 97 7.51 6.92 0.28
CA LEU A 97 8.21 7.37 1.48
C LEU A 97 9.47 8.16 1.04
N LYS A 98 10.19 7.63 0.05
CA LYS A 98 11.39 8.29 -0.45
C LYS A 98 11.07 9.68 -0.95
N TYR A 99 9.97 9.78 -1.68
CA TYR A 99 9.52 11.03 -2.24
C TYR A 99 9.14 12.02 -1.11
N ILE A 100 8.44 11.54 -0.08
CA ILE A 100 8.07 12.40 1.03
C ILE A 100 9.32 12.91 1.73
N ARG A 101 10.29 12.02 1.97
CA ARG A 101 11.52 12.44 2.63
C ARG A 101 12.29 13.39 1.73
N LYS A 102 12.38 13.05 0.45
CA LYS A 102 13.09 13.88 -0.51
C LYS A 102 12.58 15.32 -0.57
N ILE A 103 11.26 15.49 -0.68
CA ILE A 103 10.71 16.84 -0.78
C ILE A 103 10.09 17.42 0.50
N GLY A 104 9.86 16.59 1.52
CA GLY A 104 9.24 17.10 2.73
C GLY A 104 7.74 17.29 2.48
N SER A 105 7.11 18.21 3.18
CA SER A 105 5.67 18.46 3.00
C SER A 105 5.26 18.70 1.55
N PHE A 106 4.17 18.05 1.13
CA PHE A 106 3.66 18.22 -0.22
C PHE A 106 2.72 19.43 -0.22
N ASP A 107 2.67 20.18 -1.32
CA ASP A 107 1.73 21.31 -1.34
C ASP A 107 0.35 20.69 -1.53
N GLU A 108 -0.69 21.52 -1.54
CA GLU A 108 -2.03 21.02 -1.65
C GLU A 108 -2.37 20.29 -2.94
N THR A 109 -1.86 20.78 -4.06
CA THR A 109 -2.16 20.13 -5.34
C THR A 109 -1.58 18.70 -5.39
N CYS A 110 -0.35 18.54 -4.94
CA CYS A 110 0.30 17.23 -4.92
C CYS A 110 -0.35 16.32 -3.89
N THR A 111 -0.74 16.88 -2.74
CA THR A 111 -1.41 16.08 -1.71
C THR A 111 -2.75 15.54 -2.26
N ARG A 112 -3.51 16.40 -2.91
CA ARG A 112 -4.80 16.01 -3.48
C ARG A 112 -4.65 14.92 -4.54
N PHE A 113 -3.72 15.11 -5.46
CA PHE A 113 -3.55 14.15 -6.53
C PHE A 113 -3.21 12.74 -6.04
N TYR A 114 -2.18 12.65 -5.21
CA TYR A 114 -1.79 11.34 -4.70
C TYR A 114 -2.81 10.72 -3.73
N THR A 115 -3.47 11.55 -2.94
CA THR A 115 -4.49 11.06 -2.01
C THR A 115 -5.65 10.48 -2.85
N ALA A 116 -6.02 11.17 -3.92
CA ALA A 116 -7.11 10.70 -4.80
C ALA A 116 -6.77 9.35 -5.45
N GLU A 117 -5.52 9.19 -5.90
CA GLU A 117 -5.12 7.92 -6.50
C GLU A 117 -5.19 6.81 -5.44
N ILE A 118 -4.76 7.07 -4.20
CA ILE A 118 -4.82 6.04 -3.16
C ILE A 118 -6.28 5.70 -2.86
N VAL A 119 -7.12 6.73 -2.72
CA VAL A 119 -8.54 6.49 -2.45
C VAL A 119 -9.14 5.63 -3.59
N SER A 120 -8.83 6.02 -4.83
CA SER A 120 -9.35 5.30 -6.00
C SER A 120 -8.88 3.84 -6.00
N ALA A 121 -7.63 3.64 -5.58
CA ALA A 121 -7.07 2.27 -5.50
C ALA A 121 -7.78 1.46 -4.41
N LEU A 122 -8.02 2.09 -3.26
CA LEU A 122 -8.70 1.42 -2.14
C LEU A 122 -10.13 1.06 -2.52
N GLU A 123 -10.78 1.97 -3.24
CA GLU A 123 -12.15 1.69 -3.66
C GLU A 123 -12.17 0.38 -4.47
N TYR A 124 -11.22 0.26 -5.40
CA TYR A 124 -11.12 -0.94 -6.24
C TYR A 124 -10.84 -2.21 -5.40
N LEU A 125 -9.85 -2.11 -4.51
CA LEU A 125 -9.47 -3.23 -3.67
C LEU A 125 -10.58 -3.68 -2.73
N HIS A 126 -11.19 -2.72 -2.04
CA HIS A 126 -12.27 -3.05 -1.11
C HIS A 126 -13.49 -3.55 -1.86
N GLY A 127 -13.63 -3.09 -3.09
CA GLY A 127 -14.74 -3.51 -3.92
C GLY A 127 -14.67 -5.00 -4.19
N LYS A 128 -13.46 -5.55 -4.15
CA LYS A 128 -13.29 -6.98 -4.38
C LYS A 128 -13.27 -7.76 -3.07
N GLY A 129 -13.52 -7.06 -1.96
CA GLY A 129 -13.52 -7.72 -0.66
C GLY A 129 -12.13 -8.03 -0.13
N ILE A 130 -11.14 -7.25 -0.55
CA ILE A 130 -9.78 -7.47 -0.08
C ILE A 130 -9.33 -6.30 0.78
N ILE A 131 -8.71 -6.60 1.91
CA ILE A 131 -8.16 -5.56 2.79
C ILE A 131 -6.64 -5.70 2.72
N HIS A 132 -5.93 -4.57 2.63
CA HIS A 132 -4.48 -4.61 2.52
C HIS A 132 -3.80 -4.96 3.84
N ARG A 133 -4.15 -4.23 4.90
CA ARG A 133 -3.61 -4.43 6.26
C ARG A 133 -2.21 -3.91 6.55
N ASP A 134 -1.50 -3.42 5.52
CA ASP A 134 -0.19 -2.83 5.78
C ASP A 134 0.05 -1.66 4.83
N LEU A 135 -0.96 -0.81 4.70
CA LEU A 135 -0.84 0.32 3.80
C LEU A 135 0.03 1.39 4.45
N LYS A 136 1.05 1.83 3.72
CA LYS A 136 1.98 2.85 4.20
C LYS A 136 2.75 3.35 2.98
N PRO A 137 3.39 4.52 3.10
CA PRO A 137 4.15 5.11 1.99
C PRO A 137 5.21 4.20 1.38
N GLU A 138 5.81 3.35 2.22
CA GLU A 138 6.82 2.40 1.75
C GLU A 138 6.26 1.36 0.75
N ASN A 139 4.97 1.04 0.88
CA ASN A 139 4.29 0.04 0.03
C ASN A 139 3.55 0.66 -1.14
N ILE A 140 3.66 1.98 -1.30
CA ILE A 140 3.01 2.68 -2.40
C ILE A 140 4.13 3.12 -3.34
N LEU A 141 4.30 2.38 -4.42
CA LEU A 141 5.38 2.68 -5.35
C LEU A 141 5.00 3.73 -6.39
N LEU A 142 6.00 4.29 -7.04
CA LEU A 142 5.78 5.28 -8.09
C LEU A 142 6.31 4.74 -9.39
N ASN A 143 5.47 4.68 -10.42
CA ASN A 143 5.96 4.17 -11.69
C ASN A 143 6.76 5.23 -12.46
N GLU A 144 7.24 4.85 -13.63
CA GLU A 144 8.01 5.74 -14.48
C GLU A 144 7.24 7.04 -14.79
N ASP A 145 5.90 6.99 -14.81
CA ASP A 145 5.09 8.17 -15.09
C ASP A 145 4.58 8.87 -13.84
N MET A 146 5.15 8.47 -12.70
CA MET A 146 4.83 9.03 -11.40
C MET A 146 3.42 8.78 -10.87
N HIS A 147 2.76 7.75 -11.39
CA HIS A 147 1.45 7.36 -10.89
C HIS A 147 1.77 6.28 -9.83
N ILE A 148 0.87 6.06 -8.88
CA ILE A 148 1.13 5.05 -7.86
C ILE A 148 0.90 3.60 -8.31
N GLN A 149 1.61 2.69 -7.66
CA GLN A 149 1.45 1.24 -7.85
C GLN A 149 1.61 0.64 -6.48
N ILE A 150 0.50 0.23 -5.88
CA ILE A 150 0.53 -0.37 -4.55
C ILE A 150 0.98 -1.83 -4.58
N THR A 151 1.80 -2.21 -3.60
CA THR A 151 2.32 -3.58 -3.56
C THR A 151 2.29 -4.13 -2.13
N ASP A 152 2.93 -5.29 -1.92
CA ASP A 152 3.03 -5.98 -0.62
C ASP A 152 1.71 -6.56 -0.15
N PHE A 153 1.29 -7.65 -0.80
CA PHE A 153 0.02 -8.31 -0.53
C PHE A 153 0.01 -9.62 0.26
N GLY A 154 1.16 -10.11 0.66
CA GLY A 154 1.20 -11.36 1.41
C GLY A 154 0.43 -11.29 2.72
N THR A 155 0.40 -10.10 3.32
CA THR A 155 -0.31 -9.91 4.57
C THR A 155 -1.75 -9.37 4.40
N ALA A 156 -2.25 -9.40 3.16
CA ALA A 156 -3.61 -8.95 2.87
C ALA A 156 -4.62 -9.97 3.44
N LYS A 157 -5.90 -9.61 3.45
CA LYS A 157 -6.93 -10.52 3.95
C LYS A 157 -8.08 -10.49 2.96
N VAL A 158 -8.58 -11.66 2.62
CA VAL A 158 -9.70 -11.75 1.68
C VAL A 158 -10.93 -12.05 2.53
N LEU A 159 -11.89 -11.14 2.51
CA LEU A 159 -13.11 -11.27 3.31
C LEU A 159 -14.03 -12.44 2.92
N ASN A 169 -7.20 -11.13 11.78
CA ASN A 169 -6.94 -10.98 13.21
C ASN A 169 -5.70 -11.75 13.65
N SEP A 170 -4.80 -12.03 12.72
CA SEP A 170 -3.57 -12.74 13.05
CB SEP A 170 -3.52 -14.08 12.29
OG SEP A 170 -3.15 -13.59 10.80
C SEP A 170 -2.33 -11.91 12.69
O SEP A 170 -1.21 -12.25 13.10
P SEP A 170 -4.11 -13.83 9.67
O1P SEP A 170 -3.45 -13.47 8.38
O2P SEP A 170 -4.51 -15.26 9.66
O3P SEP A 170 -5.32 -12.99 9.88
N PHE A 171 -2.54 -10.84 11.93
CA PHE A 171 -1.46 -9.98 11.51
C PHE A 171 -1.71 -8.51 11.89
N VAL A 172 -0.65 -7.81 12.26
CA VAL A 172 -0.73 -6.39 12.59
C VAL A 172 0.40 -5.72 11.82
N GLY A 173 0.05 -4.74 11.00
CA GLY A 173 1.06 -4.05 10.20
C GLY A 173 1.98 -3.10 10.95
N THR A 174 2.62 -2.23 10.19
CA THR A 174 3.57 -1.23 10.69
C THR A 174 2.95 -0.36 11.78
N ALA A 175 3.63 -0.29 12.91
CA ALA A 175 3.15 0.41 14.10
C ALA A 175 2.49 1.76 13.89
N GLN A 176 3.17 2.66 13.19
CA GLN A 176 2.65 3.99 12.96
C GLN A 176 1.30 4.06 12.22
N TYR A 177 0.94 3.01 11.50
CA TYR A 177 -0.31 3.03 10.73
C TYR A 177 -1.39 2.11 11.27
N VAL A 178 -1.12 1.46 12.40
CA VAL A 178 -2.07 0.54 13.05
C VAL A 178 -3.31 1.24 13.61
N SER A 179 -4.47 0.66 13.37
CA SER A 179 -5.74 1.25 13.84
C SER A 179 -6.06 0.89 15.29
N PRO A 180 -6.93 1.67 15.92
CA PRO A 180 -7.25 1.35 17.32
C PRO A 180 -7.91 -0.03 17.48
N GLU A 181 -8.78 -0.42 16.54
CA GLU A 181 -9.46 -1.72 16.64
C GLU A 181 -8.49 -2.91 16.59
N LEU A 182 -7.38 -2.74 15.88
CA LEU A 182 -6.36 -3.79 15.81
C LEU A 182 -5.64 -3.95 17.15
N LEU A 183 -5.60 -2.89 17.95
CA LEU A 183 -4.95 -2.91 19.24
C LEU A 183 -5.89 -3.34 20.37
N THR A 184 -7.18 -3.23 20.10
CA THR A 184 -8.17 -3.59 21.12
C THR A 184 -8.90 -4.90 20.86
N GLU A 185 -9.50 -5.05 19.69
CA GLU A 185 -10.28 -6.26 19.35
C GLU A 185 -9.57 -7.33 18.55
N LYS A 186 -8.38 -7.04 18.05
CA LYS A 186 -7.64 -8.02 17.25
C LYS A 186 -8.52 -8.59 16.12
N SER A 187 -8.89 -7.73 15.16
CA SER A 187 -9.72 -8.16 14.03
C SER A 187 -9.49 -7.23 12.83
N ALA A 188 -9.48 -7.81 11.63
CA ALA A 188 -9.26 -7.06 10.39
C ALA A 188 -10.54 -6.59 9.66
N CYS A 189 -10.60 -5.30 9.35
CA CYS A 189 -11.75 -4.72 8.66
C CYS A 189 -11.27 -3.70 7.64
N LYS A 190 -12.12 -3.34 6.69
CA LYS A 190 -11.74 -2.34 5.71
C LYS A 190 -11.42 -1.03 6.43
N SER A 191 -12.04 -0.84 7.60
CA SER A 191 -11.81 0.38 8.38
C SER A 191 -10.34 0.61 8.71
N SER A 192 -9.57 -0.47 8.85
CA SER A 192 -8.15 -0.34 9.16
C SER A 192 -7.37 0.28 8.03
N ASP A 193 -7.73 -0.04 6.79
CA ASP A 193 -7.08 0.58 5.64
C ASP A 193 -7.45 2.07 5.59
N LEU A 194 -8.70 2.41 5.93
CA LEU A 194 -9.14 3.81 5.90
C LEU A 194 -8.42 4.63 6.97
N TRP A 195 -8.12 4.01 8.11
CA TRP A 195 -7.39 4.68 9.17
C TRP A 195 -5.98 4.92 8.62
N ALA A 196 -5.39 3.90 8.01
CA ALA A 196 -4.05 4.07 7.44
C ALA A 196 -4.04 5.20 6.42
N LEU A 197 -5.09 5.28 5.62
CA LEU A 197 -5.23 6.36 4.64
C LEU A 197 -5.20 7.72 5.35
N GLY A 198 -5.91 7.84 6.47
CA GLY A 198 -5.90 9.10 7.21
C GLY A 198 -4.50 9.49 7.66
N CYS A 199 -3.74 8.49 8.14
CA CYS A 199 -2.37 8.70 8.59
C CYS A 199 -1.47 9.14 7.42
N ILE A 200 -1.66 8.52 6.25
CA ILE A 200 -0.91 8.85 5.07
C ILE A 200 -1.20 10.27 4.58
N ILE A 201 -2.48 10.67 4.59
CA ILE A 201 -2.81 12.03 4.15
C ILE A 201 -2.14 13.02 5.11
N TYR A 202 -2.24 12.73 6.41
CA TYR A 202 -1.61 13.60 7.39
C TYR A 202 -0.10 13.71 7.09
N GLN A 203 0.52 12.56 6.85
CA GLN A 203 1.94 12.50 6.55
C GLN A 203 2.37 13.26 5.28
N LEU A 204 1.53 13.27 4.24
CA LEU A 204 1.88 13.99 3.02
C LEU A 204 1.88 15.49 3.27
N VAL A 205 0.92 15.94 4.05
CA VAL A 205 0.77 17.37 4.36
C VAL A 205 1.78 17.85 5.41
N ALA A 206 1.98 17.06 6.45
CA ALA A 206 2.87 17.44 7.54
C ALA A 206 4.31 16.99 7.39
N GLY A 207 4.57 16.02 6.51
CA GLY A 207 5.93 15.54 6.37
C GLY A 207 6.27 14.35 7.27
N LEU A 208 5.41 14.04 8.23
CA LEU A 208 5.64 12.93 9.19
C LEU A 208 4.29 12.32 9.56
N PRO A 209 4.27 11.04 9.98
CA PRO A 209 2.97 10.45 10.34
C PRO A 209 2.46 11.10 11.64
N PRO A 210 1.17 10.96 11.93
CA PRO A 210 0.59 11.56 13.14
C PRO A 210 0.96 11.03 14.54
N PHE A 211 1.13 9.73 14.66
CA PHE A 211 1.48 9.09 15.95
C PHE A 211 2.95 8.69 15.92
N ARG A 212 3.75 9.37 16.72
CA ARG A 212 5.19 9.12 16.77
C ARG A 212 5.64 9.11 18.23
N ALA A 213 6.55 8.19 18.55
CA ALA A 213 7.08 8.05 19.90
C ALA A 213 8.35 7.21 19.86
N GLY A 214 9.01 7.07 21.01
CA GLY A 214 10.25 6.32 21.09
C GLY A 214 10.24 4.82 20.82
N ASN A 215 9.08 4.19 20.99
CA ASN A 215 9.03 2.76 20.73
C ASN A 215 7.60 2.41 20.37
N GLU A 216 7.37 1.16 19.96
CA GLU A 216 6.06 0.72 19.55
C GLU A 216 4.99 0.84 20.61
N TYR A 217 5.30 0.39 21.83
CA TYR A 217 4.33 0.47 22.93
C TYR A 217 3.82 1.90 23.09
N LEU A 218 4.73 2.87 23.05
CA LEU A 218 4.34 4.27 23.20
C LEU A 218 3.52 4.77 22.01
N ILE A 219 3.76 4.21 20.84
CA ILE A 219 2.98 4.62 19.67
C ILE A 219 1.56 4.08 19.81
N PHE A 220 1.43 2.81 20.17
CA PHE A 220 0.11 2.19 20.37
C PHE A 220 -0.71 2.94 21.41
N GLN A 221 -0.04 3.39 22.45
CA GLN A 221 -0.69 4.12 23.52
C GLN A 221 -1.30 5.42 22.96
N LYS A 222 -0.57 6.13 22.10
CA LYS A 222 -1.09 7.36 21.53
C LYS A 222 -2.24 7.06 20.58
N ILE A 223 -2.13 5.98 19.82
CA ILE A 223 -3.19 5.62 18.89
C ILE A 223 -4.52 5.37 19.61
N ILE A 224 -4.51 4.55 20.66
CA ILE A 224 -5.76 4.27 21.34
C ILE A 224 -6.36 5.47 22.05
N LYS A 225 -5.55 6.48 22.35
CA LYS A 225 -6.06 7.68 22.98
C LYS A 225 -6.28 8.81 21.95
N LEU A 226 -6.08 8.48 20.67
CA LEU A 226 -6.19 9.45 19.57
C LEU A 226 -5.34 10.67 19.92
N GLU A 227 -4.13 10.42 20.39
CA GLU A 227 -3.26 11.50 20.80
C GLU A 227 -2.33 12.00 19.69
N TYR A 228 -2.78 13.03 18.97
CA TYR A 228 -1.99 13.65 17.91
C TYR A 228 -2.57 15.03 17.67
N ASP A 229 -1.86 15.87 16.92
CA ASP A 229 -2.41 17.17 16.60
C ASP A 229 -1.92 17.66 15.25
N PHE A 230 -2.63 18.63 14.70
CA PHE A 230 -2.30 19.18 13.41
C PHE A 230 -1.36 20.36 13.50
N PRO A 231 -0.33 20.40 12.63
CA PRO A 231 0.59 21.53 12.67
C PRO A 231 -0.13 22.74 12.09
N GLU A 232 0.46 23.91 12.29
CA GLU A 232 -0.11 25.15 11.80
C GLU A 232 -0.08 25.13 10.27
N LYS A 233 -1.06 25.74 9.65
CA LYS A 233 -1.12 25.83 8.20
C LYS A 233 -1.52 24.51 7.49
N PHE A 234 -1.93 23.52 8.26
CA PHE A 234 -2.35 22.25 7.65
C PHE A 234 -3.60 22.59 6.82
N PHE A 235 -3.59 22.33 5.51
CA PHE A 235 -4.75 22.69 4.66
C PHE A 235 -6.03 22.34 5.39
N PRO A 236 -6.89 23.35 5.63
CA PRO A 236 -8.17 23.18 6.33
C PRO A 236 -9.06 22.03 5.86
N LYS A 237 -9.24 21.93 4.54
CA LYS A 237 -10.09 20.85 4.02
C LYS A 237 -9.43 19.49 4.20
N ALA A 238 -8.10 19.43 4.13
CA ALA A 238 -7.38 18.18 4.35
C ALA A 238 -7.49 17.81 5.84
N ARG A 239 -7.39 18.81 6.73
CA ARG A 239 -7.53 18.52 8.15
C ARG A 239 -8.93 17.95 8.41
N ASP A 240 -9.96 18.55 7.80
CA ASP A 240 -11.32 18.05 8.00
C ASP A 240 -11.41 16.60 7.53
N LEU A 241 -10.84 16.31 6.36
CA LEU A 241 -10.85 14.93 5.87
C LEU A 241 -10.13 13.96 6.85
N VAL A 242 -8.94 14.33 7.32
CA VAL A 242 -8.20 13.47 8.24
C VAL A 242 -9.03 13.24 9.51
N GLU A 243 -9.68 14.29 9.99
CA GLU A 243 -10.49 14.13 11.19
C GLU A 243 -11.66 13.19 10.99
N LYS A 244 -12.09 13.01 9.74
CA LYS A 244 -13.20 12.09 9.44
C LYS A 244 -12.72 10.66 9.16
N LEU A 245 -11.41 10.47 9.14
CA LEU A 245 -10.81 9.14 8.92
C LEU A 245 -10.20 8.62 10.23
N LEU A 246 -9.50 9.50 10.97
CA LEU A 246 -8.91 9.07 12.23
C LEU A 246 -9.96 9.24 13.32
N VAL A 247 -10.88 8.28 13.34
CA VAL A 247 -11.98 8.28 14.30
C VAL A 247 -11.85 6.96 15.05
N LEU A 248 -11.83 7.01 16.38
CA LEU A 248 -11.69 5.76 17.13
C LEU A 248 -12.77 4.74 16.80
N ASP A 249 -14.02 5.20 16.69
CA ASP A 249 -15.14 4.31 16.35
C ASP A 249 -15.01 3.96 14.88
N ALA A 250 -14.55 2.75 14.61
CA ALA A 250 -14.32 2.28 13.25
C ALA A 250 -15.49 2.40 12.29
N THR A 251 -16.72 2.24 12.78
CA THR A 251 -17.90 2.31 11.92
C THR A 251 -18.27 3.72 11.51
N LYS A 252 -17.57 4.72 12.03
CA LYS A 252 -17.89 6.09 11.67
C LYS A 252 -16.86 6.76 10.77
N ARG A 253 -15.98 5.98 10.16
CA ARG A 253 -14.96 6.56 9.27
C ARG A 253 -15.49 6.71 7.85
N LEU A 254 -15.20 7.86 7.24
CA LEU A 254 -15.63 8.11 5.87
C LEU A 254 -15.06 6.98 5.01
N GLY A 255 -15.92 6.40 4.16
CA GLY A 255 -15.48 5.29 3.33
C GLY A 255 -16.08 3.95 3.76
N CYS A 256 -16.44 3.82 5.04
CA CYS A 256 -17.05 2.58 5.56
C CYS A 256 -18.48 2.42 5.03
N GLU A 257 -18.91 1.17 4.90
CA GLU A 257 -20.25 0.84 4.43
C GLU A 257 -21.27 1.50 5.37
N GLU A 258 -20.93 1.59 6.65
CA GLU A 258 -21.81 2.21 7.64
C GLU A 258 -21.98 3.71 7.39
N MET A 259 -21.01 4.30 6.72
CA MET A 259 -21.06 5.72 6.39
C MET A 259 -21.43 5.88 4.91
N GLU A 260 -21.97 4.81 4.36
CA GLU A 260 -22.44 4.75 2.98
C GLU A 260 -21.37 4.67 1.86
N GLY A 261 -20.20 4.12 2.21
CA GLY A 261 -19.18 3.88 1.20
C GLY A 261 -18.28 4.96 0.63
N TYR A 262 -17.70 4.64 -0.52
CA TYR A 262 -16.77 5.53 -1.19
C TYR A 262 -17.36 6.79 -1.79
N GLY A 263 -18.67 6.81 -2.05
CA GLY A 263 -19.28 8.01 -2.62
C GLY A 263 -19.06 9.23 -1.74
N PRO A 264 -19.49 9.19 -0.47
CA PRO A 264 -19.31 10.33 0.43
C PRO A 264 -17.82 10.68 0.63
N LEU A 265 -16.93 9.69 0.61
CA LEU A 265 -15.51 9.99 0.75
C LEU A 265 -14.98 10.79 -0.44
N LYS A 266 -15.29 10.32 -1.65
CA LYS A 266 -14.86 10.99 -2.86
C LYS A 266 -15.49 12.37 -3.03
N ALA A 267 -16.67 12.56 -2.41
CA ALA A 267 -17.36 13.85 -2.48
C ALA A 267 -16.88 14.86 -1.44
N HIS A 268 -15.90 14.49 -0.60
CA HIS A 268 -15.42 15.42 0.41
C HIS A 268 -14.90 16.71 -0.25
N PRO A 269 -15.14 17.88 0.37
CA PRO A 269 -14.67 19.16 -0.21
C PRO A 269 -13.18 19.19 -0.62
N PHE A 270 -12.33 18.46 0.10
CA PHE A 270 -10.91 18.46 -0.24
C PHE A 270 -10.70 17.95 -1.69
N PHE A 271 -11.61 17.10 -2.17
CA PHE A 271 -11.49 16.54 -3.51
C PHE A 271 -12.34 17.24 -4.57
N GLU A 272 -12.91 18.37 -4.22
CA GLU A 272 -13.80 19.07 -5.16
C GLU A 272 -13.34 19.16 -6.63
N SER A 273 -12.08 19.49 -6.88
CA SER A 273 -11.59 19.62 -8.25
C SER A 273 -11.10 18.32 -8.91
N VAL A 274 -11.20 17.21 -8.18
CA VAL A 274 -10.78 15.91 -8.70
C VAL A 274 -11.74 15.26 -9.71
N THR A 275 -11.19 14.75 -10.81
CA THR A 275 -12.00 14.01 -11.78
C THR A 275 -11.63 12.55 -11.51
N TRP A 276 -12.52 11.83 -10.84
CA TRP A 276 -12.27 10.45 -10.42
C TRP A 276 -12.23 9.34 -11.46
N GLU A 277 -12.95 9.54 -12.56
CA GLU A 277 -13.05 8.54 -13.61
C GLU A 277 -11.76 8.17 -14.32
N ASN A 278 -10.80 9.09 -14.43
CA ASN A 278 -9.60 8.74 -15.19
C ASN A 278 -8.29 9.27 -14.64
N LEU A 279 -8.11 9.20 -13.33
CA LEU A 279 -6.87 9.70 -12.73
C LEU A 279 -5.60 9.20 -13.40
N HIS A 280 -5.62 7.93 -13.79
CA HIS A 280 -4.46 7.32 -14.42
C HIS A 280 -4.05 7.98 -15.76
N GLN A 281 -4.99 8.63 -16.45
CA GLN A 281 -4.63 9.31 -17.70
C GLN A 281 -4.21 10.74 -17.46
N GLN A 282 -4.34 11.22 -16.22
CA GLN A 282 -3.97 12.58 -15.91
C GLN A 282 -2.47 12.70 -15.67
N THR A 283 -1.93 13.88 -15.93
CA THR A 283 -0.51 14.11 -15.73
C THR A 283 -0.30 14.45 -14.26
N PRO A 284 0.51 13.66 -13.54
CA PRO A 284 0.71 13.98 -12.13
C PRO A 284 1.36 15.36 -11.97
N PRO A 285 1.00 16.10 -10.92
CA PRO A 285 1.62 17.42 -10.76
C PRO A 285 3.11 17.18 -10.48
N LYS A 286 3.97 17.99 -11.07
CA LYS A 286 5.41 17.83 -10.89
C LYS A 286 5.91 18.48 -9.61
C1 GOL B . -8.23 5.04 -13.16
O1 GOL B . -7.64 6.03 -13.99
C2 GOL B . -9.54 5.60 -12.59
O2 GOL B . -9.29 6.82 -11.84
C3 GOL B . -10.19 4.52 -11.71
O3 GOL B . -9.32 4.15 -10.64
C1 GOL C . 6.93 -13.08 1.93
O1 GOL C . 7.14 -11.67 1.80
C2 GOL C . 5.50 -13.35 2.37
O2 GOL C . 4.59 -12.84 1.38
C3 GOL C . 5.23 -12.67 3.70
O3 GOL C . 3.88 -12.92 4.10
C1 GOL D . 20.63 -17.47 -8.69
O1 GOL D . 20.67 -17.50 -7.26
C2 GOL D . 19.26 -17.96 -9.20
O2 GOL D . 19.24 -17.94 -10.63
C3 GOL D . 18.15 -17.07 -8.67
O3 GOL D . 18.15 -17.10 -7.24
C1 GOL E . -15.73 12.70 -10.61
O1 GOL E . -15.07 13.34 -11.68
C2 GOL E . -16.69 11.65 -11.16
O2 GOL E . -17.33 11.01 -10.06
C3 GOL E . -15.93 10.59 -11.97
O3 GOL E . -15.24 11.20 -13.06
C1 GOL F . -7.83 15.07 18.05
O1 GOL F . -7.59 14.21 19.17
C2 GOL F . -6.49 15.62 17.55
O2 GOL F . -5.87 16.35 18.61
C3 GOL F . -6.68 16.54 16.35
O3 GOL F . -7.50 17.66 16.71
C1 GOL G . 22.65 -14.62 -14.03
O1 GOL G . 21.31 -14.17 -14.01
C2 GOL G . 23.49 -13.51 -13.44
O2 GOL G . 23.33 -12.35 -14.25
C3 GOL G . 24.96 -13.90 -13.42
O3 GOL G . 25.39 -14.14 -14.76
C1 GOL H . 9.33 -7.95 -0.50
O1 GOL H . 8.73 -8.53 0.66
C2 GOL H . 10.73 -7.36 -0.19
O2 GOL H . 11.62 -8.37 0.26
C3 GOL H . 10.64 -6.27 0.87
O3 GOL H . 11.94 -5.76 1.10
C1 GOL I . 7.70 -5.38 -18.23
O1 GOL I . 7.88 -4.97 -19.60
C2 GOL I . 7.67 -4.16 -17.32
O2 GOL I . 8.86 -3.39 -17.48
C3 GOL I . 7.52 -4.61 -15.87
O3 GOL I . 7.51 -3.45 -15.04
S SO4 J . 4.57 -22.20 -9.61
O1 SO4 J . 3.86 -21.30 -10.53
O2 SO4 J . 5.39 -21.40 -8.68
O3 SO4 J . 5.43 -23.09 -10.41
O4 SO4 J . 3.60 -22.99 -8.84
S SO4 K . 4.09 -2.05 -15.36
O1 SO4 K . 3.10 -1.36 -14.52
O2 SO4 K . 4.08 -3.47 -15.03
O3 SO4 K . 5.43 -1.48 -15.13
O4 SO4 K . 3.71 -1.86 -16.77
S SO4 L . 6.27 -3.92 -22.91
O1 SO4 L . 6.39 -2.54 -23.37
O2 SO4 L . 7.60 -4.57 -22.92
O3 SO4 L . 5.34 -4.66 -23.79
O4 SO4 L . 5.75 -3.97 -21.51
S SO4 M . 9.32 -10.18 3.95
O1 SO4 M . 8.05 -10.84 4.30
O2 SO4 M . 9.04 -8.95 3.18
O3 SO4 M . 10.15 -11.11 3.15
O4 SO4 M . 10.03 -9.81 5.20
S SO4 N . -13.03 -10.97 -8.08
O1 SO4 N . -13.19 -10.68 -6.65
O2 SO4 N . -11.61 -11.19 -8.40
O3 SO4 N . -13.54 -9.81 -8.86
O4 SO4 N . -13.81 -12.17 -8.44
NBC BI3 O . 11.19 -1.26 0.42
CBB BI3 O . 10.13 -1.57 -0.54
CBA BI3 O . 9.07 -2.47 0.11
CAY BI3 O . 7.82 -2.61 -0.76
NAH BI3 O . 7.98 -3.48 -1.93
CAW BI3 O . 8.42 -3.08 -3.12
CAE BI3 O . 7.52 -4.73 -1.97
CAF BI3 O . 6.94 -5.59 -1.02
CAA BI3 O . 6.50 -6.85 -1.43
CAB BI3 O . 6.64 -7.25 -2.75
CAC BI3 O . 7.23 -6.39 -3.68
CAD BI3 O . 7.67 -5.12 -3.29
CAG BI3 O . 8.24 -4.07 -3.99
CAI BI3 O . 8.43 -3.87 -5.36
CAT BI3 O . 7.53 -4.30 -6.32
OAZ BI3 O . 6.51 -4.98 -6.16
NAU BI3 O . 7.97 -3.82 -7.49
CAV BI3 O . 9.08 -3.09 -7.37
OAX BI3 O . 9.67 -2.51 -8.27
CAJ BI3 O . 9.39 -3.12 -6.01
CAK BI3 O . 10.53 -2.49 -5.48
CAM BI3 O . 11.28 -2.71 -4.33
CAP BI3 O . 11.33 -3.73 -3.39
CAQ BI3 O . 12.20 -3.65 -2.31
CAR BI3 O . 13.03 -2.55 -2.16
CAS BI3 O . 13.00 -1.52 -3.10
CAN BI3 O . 12.12 -1.61 -4.17
NAO BI3 O . 11.86 -0.81 -5.21
CAL BI3 O . 10.91 -1.33 -5.99
#